data_1UDB
#
_entry.id   1UDB
#
_cell.length_a   83.500
_cell.length_b   83.500
_cell.length_c   108.900
_cell.angle_alpha   90.00
_cell.angle_beta   90.00
_cell.angle_gamma   120.00
#
_symmetry.space_group_name_H-M   'P 32 2 1'
#
loop_
_entity.id
_entity.type
_entity.pdbx_description
1 polymer UDP-GALACTOSE-4-EPIMERASE
2 non-polymer 'SODIUM ION'
3 non-polymer NICOTINAMIDE-ADENINE-DINUCLEOTIDE
4 non-polymer "URIDINE-5'-DIPHOSPHATE-4-DEOXY-4-FLUORO-ALPHA-D-GALACTOSE"
5 non-polymer 1,2-ETHANEDIOL
6 non-polymer DI(HYDROXYETHYL)ETHER
7 water water
#
_entity_poly.entity_id   1
_entity_poly.type   'polypeptide(L)'
_entity_poly.pdbx_seq_one_letter_code
;MRVLVTGGSGYIGSHTCVQLLQNGHDVIILDNLCNSKRSVLPVIERLGGKHPTFVEGDIRNEALMTEILHDHAIDTVIHF
AGLKAVGESVQKPLEYYDNNVNGTLRLISAMRAANVKNFIFSSSATVYGDNPKIPYVESFPTGTPQSPYGKSKLMVEQIL
TDLQKAQPDWSIALLRYFNPVGAHPSGDMGEDPQGIPNNLMPYIAQVAVGRRDSLAIFGNDYPTEDGTGVRDYIHVMDLA
DGHVVAMEKLANKPGVHIYNLGAGVGNSVLDVVNAFSKACGKPVNYHFAPRREGDLPAYWADASKADRELNWRVTRTLDE
MAQDTWHWQSRHPQGYPD
;
_entity_poly.pdbx_strand_id   A
#
loop_
_chem_comp.id
_chem_comp.type
_chem_comp.name
_chem_comp.formula
EDO non-polymer 1,2-ETHANEDIOL 'C2 H6 O2'
NA non-polymer 'SODIUM ION' 'Na 1'
NAD non-polymer NICOTINAMIDE-ADENINE-DINUCLEOTIDE 'C21 H27 N7 O14 P2'
PEG non-polymer DI(HYDROXYETHYL)ETHER 'C4 H10 O3'
UFG non-polymer URIDINE-5'-DIPHOSPHATE-4-DEOXY-4-FLUORO-ALPHA-D-GALACTOSE 'C15 H23 F N2 O16 P2'
#
# COMPACT_ATOMS: atom_id res chain seq x y z
N MET A 1 6.48 -19.71 -6.65
CA MET A 1 6.68 -19.89 -5.21
C MET A 1 5.37 -19.93 -4.46
N ARG A 2 5.42 -20.38 -3.21
CA ARG A 2 4.25 -20.50 -2.37
C ARG A 2 4.25 -19.28 -1.46
N VAL A 3 3.26 -18.43 -1.65
CA VAL A 3 3.29 -17.21 -0.87
C VAL A 3 2.04 -16.90 -0.09
N LEU A 4 2.27 -16.52 1.16
CA LEU A 4 1.21 -16.11 2.05
C LEU A 4 1.10 -14.61 1.93
N VAL A 5 -0.08 -14.15 1.55
CA VAL A 5 -0.29 -12.73 1.44
C VAL A 5 -1.24 -12.24 2.53
N THR A 6 -0.70 -11.63 3.58
CA THR A 6 -1.61 -11.13 4.59
C THR A 6 -2.25 -9.87 4.08
N GLY A 7 -3.50 -9.58 4.47
CA GLY A 7 -4.17 -8.39 3.95
C GLY A 7 -4.46 -8.50 2.46
N GLY A 8 -4.39 -9.72 1.95
CA GLY A 8 -4.55 -10.01 0.54
C GLY A 8 -5.84 -9.59 -0.10
N SER A 9 -6.88 -9.41 0.72
CA SER A 9 -8.18 -9.00 0.18
C SER A 9 -8.36 -7.49 0.11
N GLY A 10 -7.40 -6.77 0.67
CA GLY A 10 -7.43 -5.31 0.68
C GLY A 10 -7.06 -4.72 -0.68
N TYR A 11 -6.95 -3.40 -0.68
CA TYR A 11 -6.68 -2.66 -1.90
C TYR A 11 -5.41 -3.09 -2.61
N ILE A 12 -4.28 -2.81 -1.97
CA ILE A 12 -3.01 -3.18 -2.57
C ILE A 12 -2.82 -4.70 -2.69
N GLY A 13 -3.16 -5.42 -1.64
CA GLY A 13 -2.99 -6.86 -1.68
C GLY A 13 -3.79 -7.54 -2.80
N SER A 14 -5.05 -7.12 -2.99
CA SER A 14 -5.81 -7.78 -4.03
C SER A 14 -5.14 -7.69 -5.39
N HIS A 15 -4.70 -6.50 -5.72
CA HIS A 15 -4.06 -6.29 -6.99
C HIS A 15 -2.77 -7.08 -7.06
N THR A 16 -2.08 -7.18 -5.94
CA THR A 16 -0.84 -7.94 -5.95
C THR A 16 -1.13 -9.41 -6.15
N CYS A 17 -2.20 -9.87 -5.52
CA CYS A 17 -2.55 -11.26 -5.69
C CYS A 17 -2.81 -11.60 -7.14
N VAL A 18 -3.53 -10.74 -7.83
CA VAL A 18 -3.81 -11.01 -9.21
C VAL A 18 -2.54 -11.15 -10.01
N GLN A 19 -1.60 -10.23 -9.81
CA GLN A 19 -0.34 -10.25 -10.53
C GLN A 19 0.48 -11.47 -10.17
N LEU A 20 0.36 -11.87 -8.91
CA LEU A 20 1.10 -13.02 -8.42
C LEU A 20 0.59 -14.27 -9.11
N LEU A 21 -0.74 -14.42 -9.14
CA LEU A 21 -1.33 -15.58 -9.78
C LEU A 21 -0.98 -15.60 -11.28
N GLN A 22 -0.96 -14.43 -11.91
CA GLN A 22 -0.64 -14.37 -13.32
C GLN A 22 0.76 -14.86 -13.62
N ASN A 23 1.59 -14.80 -12.60
CA ASN A 23 2.95 -15.24 -12.75
C ASN A 23 3.09 -16.68 -12.34
N GLY A 24 1.95 -17.30 -12.05
CA GLY A 24 1.84 -18.72 -11.69
C GLY A 24 2.27 -19.11 -10.29
N HIS A 25 2.35 -18.16 -9.37
CA HIS A 25 2.69 -18.51 -8.01
C HIS A 25 1.44 -19.07 -7.33
N ASP A 26 1.65 -19.80 -6.23
CA ASP A 26 0.58 -20.37 -5.43
C ASP A 26 0.30 -19.41 -4.29
N VAL A 27 -0.91 -18.84 -4.29
CA VAL A 27 -1.28 -17.82 -3.32
C VAL A 27 -2.29 -18.21 -2.26
N ILE A 28 -1.93 -17.90 -1.01
CA ILE A 28 -2.73 -18.10 0.17
C ILE A 28 -2.98 -16.72 0.78
N ILE A 29 -4.23 -16.34 0.79
CA ILE A 29 -4.56 -15.03 1.35
C ILE A 29 -5.05 -15.13 2.76
N LEU A 30 -4.50 -14.32 3.65
CA LEU A 30 -4.92 -14.34 5.05
C LEU A 30 -5.45 -12.97 5.37
N ASP A 31 -6.71 -12.88 5.76
CA ASP A 31 -7.26 -11.56 6.01
C ASP A 31 -8.37 -11.65 7.02
N ASN A 32 -8.48 -10.62 7.86
CA ASN A 32 -9.50 -10.63 8.89
C ASN A 32 -10.78 -9.92 8.49
N LEU A 33 -10.76 -9.42 7.28
CA LEU A 33 -11.92 -8.76 6.71
C LEU A 33 -12.38 -7.53 7.46
N CYS A 34 -11.50 -6.94 8.24
CA CYS A 34 -11.93 -5.73 8.91
C CYS A 34 -12.05 -4.56 7.98
N ASN A 35 -11.37 -4.64 6.84
CA ASN A 35 -11.39 -3.54 5.89
C ASN A 35 -11.61 -3.95 4.44
N SER A 36 -12.12 -5.16 4.22
CA SER A 36 -12.40 -5.72 2.90
C SER A 36 -13.54 -6.73 3.02
N LYS A 37 -14.02 -7.20 1.86
CA LYS A 37 -15.12 -8.15 1.77
C LYS A 37 -14.73 -9.37 0.98
N ARG A 38 -15.37 -10.49 1.32
CA ARG A 38 -15.12 -11.76 0.66
C ARG A 38 -15.43 -11.68 -0.84
N SER A 39 -16.35 -10.80 -1.20
CA SER A 39 -16.79 -10.63 -2.57
C SER A 39 -15.62 -10.28 -3.49
N VAL A 40 -14.47 -9.84 -2.96
CA VAL A 40 -13.34 -9.57 -3.85
C VAL A 40 -12.64 -10.86 -4.34
N LEU A 41 -12.73 -11.92 -3.53
CA LEU A 41 -12.07 -13.18 -3.86
C LEU A 41 -12.33 -13.72 -5.24
N PRO A 42 -13.60 -13.82 -5.60
CA PRO A 42 -13.89 -14.35 -6.91
C PRO A 42 -13.28 -13.47 -8.01
N VAL A 43 -13.17 -12.16 -7.74
CA VAL A 43 -12.61 -11.28 -8.73
C VAL A 43 -11.12 -11.50 -8.87
N ILE A 44 -10.51 -11.75 -7.72
CA ILE A 44 -9.09 -12.01 -7.74
C ILE A 44 -8.79 -13.24 -8.58
N GLU A 45 -9.54 -14.29 -8.31
CA GLU A 45 -9.31 -15.51 -9.06
C GLU A 45 -9.58 -15.34 -10.55
N ARG A 46 -10.64 -14.61 -10.86
CA ARG A 46 -11.03 -14.36 -12.25
C ARG A 46 -9.95 -13.58 -12.98
N LEU A 47 -9.61 -12.43 -12.40
CA LEU A 47 -8.59 -11.61 -13.01
C LEU A 47 -7.21 -12.26 -12.90
N GLY A 48 -6.99 -13.01 -11.82
CA GLY A 48 -5.70 -13.68 -11.64
C GLY A 48 -5.58 -14.91 -12.52
N GLY A 49 -6.73 -15.47 -12.90
CA GLY A 49 -6.76 -16.63 -13.78
C GLY A 49 -6.32 -17.90 -13.07
N LYS A 50 -6.46 -17.91 -11.75
CA LYS A 50 -6.05 -19.06 -10.99
C LYS A 50 -6.62 -18.91 -9.60
N HIS A 51 -6.88 -20.02 -8.93
CA HIS A 51 -7.48 -19.92 -7.63
C HIS A 51 -6.53 -19.70 -6.48
N PRO A 52 -6.77 -18.64 -5.72
CA PRO A 52 -5.96 -18.38 -4.53
C PRO A 52 -6.70 -18.96 -3.33
N THR A 53 -5.99 -19.54 -2.37
CA THR A 53 -6.64 -20.07 -1.20
C THR A 53 -6.84 -18.94 -0.19
N PHE A 54 -8.02 -18.91 0.40
CA PHE A 54 -8.35 -17.88 1.39
C PHE A 54 -8.58 -18.43 2.77
N VAL A 55 -7.97 -17.74 3.71
CA VAL A 55 -8.11 -18.07 5.11
C VAL A 55 -8.53 -16.84 5.85
N GLU A 56 -9.65 -16.93 6.56
CA GLU A 56 -10.11 -15.79 7.33
C GLU A 56 -9.47 -15.87 8.69
N GLY A 57 -8.75 -14.84 9.09
CA GLY A 57 -8.08 -14.88 10.38
C GLY A 57 -7.27 -13.63 10.65
N ASP A 58 -6.67 -13.57 11.84
CA ASP A 58 -5.91 -12.40 12.23
C ASP A 58 -4.42 -12.63 12.43
N ILE A 59 -3.61 -11.70 11.92
CA ILE A 59 -2.16 -11.79 12.04
C ILE A 59 -1.72 -11.86 13.49
N ARG A 60 -2.58 -11.38 14.37
CA ARG A 60 -2.27 -11.40 15.79
C ARG A 60 -2.35 -12.79 16.38
N ASN A 61 -2.95 -13.74 15.66
CA ASN A 61 -3.08 -15.10 16.13
C ASN A 61 -1.88 -15.93 15.69
N GLU A 62 -0.83 -15.89 16.50
CA GLU A 62 0.44 -16.54 16.20
C GLU A 62 0.31 -18.04 15.92
N ALA A 63 -0.54 -18.72 16.67
CA ALA A 63 -0.72 -20.15 16.52
C ALA A 63 -1.31 -20.46 15.18
N LEU A 64 -2.28 -19.64 14.78
CA LEU A 64 -2.91 -19.86 13.50
C LEU A 64 -1.95 -19.55 12.39
N MET A 65 -1.14 -18.50 12.59
CA MET A 65 -0.17 -18.11 11.58
C MET A 65 0.82 -19.23 11.36
N THR A 66 1.30 -19.76 12.46
CA THR A 66 2.25 -20.83 12.37
C THR A 66 1.65 -22.02 11.60
N GLU A 67 0.40 -22.32 11.91
CA GLU A 67 -0.27 -23.44 11.27
C GLU A 67 -0.39 -23.27 9.78
N ILE A 68 -0.81 -22.07 9.39
CA ILE A 68 -0.97 -21.81 7.98
C ILE A 68 0.35 -21.96 7.26
N LEU A 69 1.39 -21.39 7.88
CA LEU A 69 2.72 -21.42 7.30
C LEU A 69 3.17 -22.85 7.00
N HIS A 70 3.01 -23.72 7.98
CA HIS A 70 3.40 -25.11 7.81
C HIS A 70 2.47 -25.82 6.86
N ASP A 71 1.18 -25.66 7.09
CA ASP A 71 0.20 -26.32 6.27
C ASP A 71 0.38 -26.05 4.80
N HIS A 72 0.73 -24.83 4.44
CA HIS A 72 0.83 -24.54 3.03
C HIS A 72 2.25 -24.49 2.51
N ALA A 73 3.20 -24.93 3.34
CA ALA A 73 4.56 -24.95 2.87
C ALA A 73 4.92 -23.62 2.24
N ILE A 74 4.69 -22.55 2.99
CA ILE A 74 4.96 -21.25 2.44
C ILE A 74 6.44 -20.98 2.30
N ASP A 75 6.84 -20.32 1.19
CA ASP A 75 8.24 -20.01 0.95
C ASP A 75 8.55 -18.57 1.33
N THR A 76 7.55 -17.73 1.09
CA THR A 76 7.70 -16.31 1.33
C THR A 76 6.39 -15.67 1.76
N VAL A 77 6.49 -14.63 2.59
CA VAL A 77 5.31 -13.93 3.06
C VAL A 77 5.29 -12.47 2.68
N ILE A 78 4.18 -12.01 2.10
CA ILE A 78 4.02 -10.60 1.77
C ILE A 78 3.03 -10.04 2.76
N HIS A 79 3.49 -9.13 3.61
CA HIS A 79 2.67 -8.62 4.69
C HIS A 79 2.02 -7.26 4.51
N PHE A 80 0.80 -7.26 3.98
CA PHE A 80 0.01 -6.03 3.78
C PHE A 80 -0.95 -5.70 4.91
N ALA A 81 -1.30 -6.71 5.71
CA ALA A 81 -2.28 -6.55 6.77
C ALA A 81 -1.87 -5.55 7.82
N GLY A 82 -2.87 -4.75 8.21
CA GLY A 82 -2.74 -3.75 9.26
C GLY A 82 -3.77 -2.62 9.13
N LEU A 83 -3.72 -1.67 10.05
CA LEU A 83 -4.59 -0.51 10.02
C LEU A 83 -3.82 0.66 9.45
N LYS A 84 -4.47 1.55 8.71
CA LYS A 84 -3.73 2.64 8.09
C LYS A 84 -4.40 4.01 8.12
N ALA A 85 -5.46 4.20 8.91
CA ALA A 85 -6.06 5.51 8.89
C ALA A 85 -5.28 6.43 9.80
N VAL A 86 -4.57 7.37 9.19
CA VAL A 86 -3.74 8.26 9.96
C VAL A 86 -4.43 8.99 11.07
N GLY A 87 -5.50 9.71 10.75
CA GLY A 87 -6.25 10.48 11.73
C GLY A 87 -6.78 9.60 12.86
N GLU A 88 -7.34 8.46 12.47
CA GLU A 88 -7.85 7.55 13.46
C GLU A 88 -6.76 7.07 14.40
N SER A 89 -5.55 6.85 13.85
CA SER A 89 -4.43 6.41 14.66
C SER A 89 -4.12 7.40 15.76
N VAL A 90 -4.38 8.68 15.50
CA VAL A 90 -4.13 9.68 16.52
C VAL A 90 -5.16 9.56 17.61
N GLN A 91 -6.37 9.18 17.22
CA GLN A 91 -7.43 9.05 18.20
C GLN A 91 -7.42 7.73 18.94
N LYS A 92 -6.92 6.69 18.25
CA LYS A 92 -6.92 5.36 18.79
C LYS A 92 -5.57 4.68 18.62
N PRO A 93 -4.56 5.18 19.28
CA PRO A 93 -3.21 4.67 19.14
C PRO A 93 -2.97 3.20 19.42
N LEU A 94 -3.55 2.71 20.51
CA LEU A 94 -3.34 1.33 20.89
C LEU A 94 -3.72 0.33 19.81
N GLU A 95 -4.85 0.57 19.15
CA GLU A 95 -5.28 -0.30 18.07
C GLU A 95 -4.23 -0.36 16.98
N TYR A 96 -3.60 0.78 16.71
CA TYR A 96 -2.59 0.84 15.67
C TYR A 96 -1.36 0.03 16.08
N TYR A 97 -0.90 0.31 17.30
CA TYR A 97 0.25 -0.43 17.78
C TYR A 97 -0.02 -1.92 17.85
N ASP A 98 -1.23 -2.29 18.24
CA ASP A 98 -1.56 -3.69 18.35
C ASP A 98 -1.60 -4.36 17.00
N ASN A 99 -2.36 -3.77 16.09
CA ASN A 99 -2.45 -4.43 14.80
C ASN A 99 -1.17 -4.38 13.98
N ASN A 100 -0.44 -3.28 14.09
CA ASN A 100 0.71 -3.15 13.26
C ASN A 100 1.96 -3.69 13.91
N VAL A 101 2.24 -3.19 15.11
CA VAL A 101 3.45 -3.64 15.74
C VAL A 101 3.31 -5.06 16.26
N ASN A 102 2.39 -5.25 17.19
CA ASN A 102 2.20 -6.59 17.69
C ASN A 102 1.82 -7.54 16.57
N GLY A 103 0.95 -7.06 15.70
CA GLY A 103 0.50 -7.89 14.61
C GLY A 103 1.67 -8.42 13.81
N THR A 104 2.61 -7.56 13.48
CA THR A 104 3.70 -8.05 12.68
C THR A 104 4.59 -8.97 13.48
N LEU A 105 4.73 -8.61 14.74
CA LEU A 105 5.56 -9.39 15.64
C LEU A 105 5.08 -10.82 15.78
N ARG A 106 3.76 -10.98 15.88
CA ARG A 106 3.20 -12.30 16.02
C ARG A 106 3.45 -13.09 14.75
N LEU A 107 3.23 -12.41 13.62
CA LEU A 107 3.44 -13.03 12.33
C LEU A 107 4.89 -13.47 12.13
N ILE A 108 5.86 -12.62 12.41
CA ILE A 108 7.22 -13.08 12.17
C ILE A 108 7.66 -14.11 13.18
N SER A 109 7.01 -14.08 14.34
CA SER A 109 7.31 -15.07 15.34
C SER A 109 6.86 -16.44 14.85
N ALA A 110 5.72 -16.48 14.20
CA ALA A 110 5.19 -17.72 13.63
C ALA A 110 6.11 -18.21 12.52
N MET A 111 6.62 -17.26 11.75
CA MET A 111 7.52 -17.58 10.67
C MET A 111 8.74 -18.29 11.21
N ARG A 112 9.25 -17.72 12.28
CA ARG A 112 10.43 -18.33 12.89
C ARG A 112 10.10 -19.75 13.28
N ALA A 113 8.95 -19.90 13.88
CA ALA A 113 8.51 -21.19 14.34
C ALA A 113 8.37 -22.18 13.19
N ALA A 114 7.89 -21.70 12.05
CA ALA A 114 7.68 -22.57 10.91
C ALA A 114 8.86 -22.60 9.95
N ASN A 115 9.96 -21.99 10.35
CA ASN A 115 11.15 -21.92 9.52
C ASN A 115 10.94 -21.21 8.20
N VAL A 116 10.09 -20.18 8.15
CA VAL A 116 9.94 -19.40 6.93
C VAL A 116 10.85 -18.18 7.07
N LYS A 117 11.67 -17.87 6.05
CA LYS A 117 12.66 -16.80 6.18
C LYS A 117 12.75 -15.74 5.06
N ASN A 118 11.68 -15.59 4.30
CA ASN A 118 11.58 -14.61 3.25
C ASN A 118 10.36 -13.75 3.55
N PHE A 119 10.58 -12.44 3.70
CA PHE A 119 9.50 -11.53 4.05
C PHE A 119 9.53 -10.24 3.25
N ILE A 120 8.34 -9.70 2.95
CA ILE A 120 8.15 -8.45 2.24
C ILE A 120 7.19 -7.60 3.06
N PHE A 121 7.61 -6.43 3.52
CA PHE A 121 6.71 -5.64 4.34
C PHE A 121 6.25 -4.36 3.70
N SER A 122 4.95 -4.09 3.86
CA SER A 122 4.37 -2.86 3.34
C SER A 122 4.79 -1.69 4.22
N SER A 123 5.80 -0.92 3.81
CA SER A 123 6.23 0.21 4.60
C SER A 123 5.72 1.51 4.00
N SER A 124 6.24 2.68 4.45
CA SER A 124 5.77 3.96 3.98
C SER A 124 6.80 5.08 4.03
N ALA A 125 6.64 6.05 3.12
CA ALA A 125 7.52 7.20 3.10
C ALA A 125 7.39 7.97 4.38
N THR A 126 6.42 7.58 5.18
CA THR A 126 6.23 8.26 6.43
C THR A 126 7.45 8.11 7.30
N VAL A 127 8.14 7.00 7.11
CA VAL A 127 9.32 6.69 7.90
C VAL A 127 10.43 7.70 7.76
N TYR A 128 10.40 8.49 6.70
CA TYR A 128 11.43 9.48 6.49
C TYR A 128 11.25 10.66 7.43
N GLY A 129 10.04 10.77 7.96
CA GLY A 129 9.75 11.87 8.87
C GLY A 129 9.71 13.23 8.18
N ASP A 130 10.00 14.28 8.93
CA ASP A 130 9.98 15.61 8.35
C ASP A 130 11.32 15.89 7.68
N ASN A 131 11.57 15.26 6.52
CA ASN A 131 12.82 15.46 5.76
C ASN A 131 12.70 16.58 4.73
N PRO A 132 13.52 17.61 4.92
CA PRO A 132 13.54 18.75 4.03
C PRO A 132 14.17 18.34 2.71
N LYS A 133 15.04 17.35 2.76
CA LYS A 133 15.69 16.88 1.54
C LYS A 133 14.77 16.02 0.68
N ILE A 134 14.45 16.48 -0.52
CA ILE A 134 13.63 15.66 -1.37
C ILE A 134 14.24 15.65 -2.76
N PRO A 135 14.11 14.57 -3.51
CA PRO A 135 13.38 13.39 -3.13
C PRO A 135 14.04 12.59 -2.03
N TYR A 136 13.23 11.70 -1.46
CA TYR A 136 13.67 10.84 -0.39
C TYR A 136 14.48 9.68 -0.95
N VAL A 137 15.61 9.40 -0.34
CA VAL A 137 16.44 8.33 -0.81
C VAL A 137 16.62 7.32 0.29
N GLU A 138 16.67 6.04 -0.04
CA GLU A 138 16.83 4.99 0.96
C GLU A 138 18.05 5.18 1.85
N SER A 139 19.07 5.88 1.39
CA SER A 139 20.24 6.11 2.22
C SER A 139 20.03 7.15 3.30
N PHE A 140 18.92 7.87 3.28
CA PHE A 140 18.71 8.85 4.33
C PHE A 140 18.35 8.15 5.62
N PRO A 141 18.81 8.68 6.72
CA PRO A 141 18.45 8.07 7.98
C PRO A 141 16.98 8.36 8.19
N THR A 142 16.28 7.48 8.90
CA THR A 142 14.85 7.71 9.12
C THR A 142 14.65 8.85 10.10
N GLY A 143 13.45 9.41 10.13
CA GLY A 143 13.17 10.52 11.02
C GLY A 143 12.08 10.14 12.03
N THR A 144 11.24 11.10 12.37
CA THR A 144 10.23 10.77 13.34
C THR A 144 8.83 10.98 12.79
N PRO A 145 8.12 9.89 12.50
CA PRO A 145 6.78 10.00 11.95
C PRO A 145 5.90 10.77 12.91
N GLN A 146 4.95 11.52 12.38
CA GLN A 146 4.13 12.32 13.28
C GLN A 146 2.88 11.66 13.83
N SER A 147 2.46 10.51 13.32
CA SER A 147 1.26 9.88 13.82
C SER A 147 1.63 8.52 14.37
N PRO A 148 0.72 7.94 15.14
CA PRO A 148 0.98 6.62 15.70
C PRO A 148 1.09 5.64 14.55
N TYR A 149 0.33 5.91 13.49
CA TYR A 149 0.40 5.04 12.34
C TYR A 149 1.80 5.05 11.78
N GLY A 150 2.34 6.24 11.54
CA GLY A 150 3.66 6.37 10.96
C GLY A 150 4.70 5.72 11.85
N LYS A 151 4.56 5.99 13.14
CA LYS A 151 5.51 5.45 14.10
C LYS A 151 5.46 3.94 14.09
N SER A 152 4.24 3.41 14.00
CA SER A 152 4.11 1.96 14.01
C SER A 152 4.88 1.34 12.86
N LYS A 153 4.86 1.98 11.70
CA LYS A 153 5.56 1.49 10.53
C LYS A 153 7.07 1.50 10.74
N LEU A 154 7.58 2.59 11.28
CA LEU A 154 9.01 2.67 11.55
C LEU A 154 9.43 1.65 12.62
N MET A 155 8.59 1.48 13.64
CA MET A 155 8.94 0.50 14.66
C MET A 155 9.11 -0.88 14.04
N VAL A 156 8.18 -1.26 13.17
CA VAL A 156 8.30 -2.57 12.55
C VAL A 156 9.57 -2.67 11.71
N GLU A 157 9.88 -1.60 10.96
CA GLU A 157 11.08 -1.65 10.15
C GLU A 157 12.25 -1.96 11.05
N GLN A 158 12.25 -1.35 12.23
CA GLN A 158 13.33 -1.55 13.16
C GLN A 158 13.38 -2.94 13.73
N ILE A 159 12.22 -3.49 14.08
CA ILE A 159 12.16 -4.83 14.65
C ILE A 159 12.61 -5.83 13.61
N LEU A 160 12.16 -5.62 12.38
CA LEU A 160 12.54 -6.49 11.27
C LEU A 160 14.05 -6.47 11.05
N THR A 161 14.63 -5.28 11.17
CA THR A 161 16.05 -5.12 10.99
C THR A 161 16.83 -5.88 12.03
N ASP A 162 16.44 -5.75 13.28
CA ASP A 162 17.16 -6.44 14.33
C ASP A 162 16.97 -7.96 14.18
N LEU A 163 15.78 -8.34 13.72
CA LEU A 163 15.53 -9.76 13.54
C LEU A 163 16.49 -10.32 12.50
N GLN A 164 16.61 -9.60 11.39
CA GLN A 164 17.48 -10.10 10.36
C GLN A 164 18.90 -10.23 10.88
N LYS A 165 19.29 -9.27 11.70
CA LYS A 165 20.63 -9.31 12.23
C LYS A 165 20.84 -10.57 13.06
N ALA A 166 19.81 -10.96 13.81
CA ALA A 166 19.91 -12.13 14.67
C ALA A 166 19.69 -13.44 13.93
N GLN A 167 19.06 -13.33 12.78
CA GLN A 167 18.76 -14.47 11.93
C GLN A 167 19.13 -14.11 10.52
N PRO A 168 20.45 -14.01 10.34
CA PRO A 168 21.07 -13.56 9.13
C PRO A 168 20.68 -14.32 7.88
N ASP A 169 19.96 -15.43 7.99
CA ASP A 169 19.58 -16.12 6.78
C ASP A 169 18.30 -15.55 6.16
N TRP A 170 17.64 -14.69 6.90
CA TRP A 170 16.44 -14.09 6.40
C TRP A 170 16.66 -13.05 5.29
N SER A 171 15.73 -12.99 4.35
CA SER A 171 15.70 -11.97 3.31
C SER A 171 14.46 -11.14 3.63
N ILE A 172 14.64 -9.87 3.96
CA ILE A 172 13.50 -9.03 4.31
C ILE A 172 13.49 -7.75 3.47
N ALA A 173 12.43 -7.54 2.71
CA ALA A 173 12.32 -6.35 1.90
C ALA A 173 11.44 -5.32 2.58
N LEU A 174 11.96 -4.10 2.76
CA LEU A 174 11.17 -3.03 3.33
C LEU A 174 10.76 -2.15 2.18
N LEU A 175 9.51 -2.30 1.77
CA LEU A 175 9.02 -1.55 0.63
C LEU A 175 8.31 -0.29 1.06
N ARG A 176 8.96 0.86 0.86
CA ARG A 176 8.38 2.12 1.26
C ARG A 176 7.47 2.70 0.20
N TYR A 177 6.16 2.61 0.43
CA TYR A 177 5.23 3.14 -0.53
C TYR A 177 5.06 4.62 -0.36
N PHE A 178 4.73 5.25 -1.48
CA PHE A 178 4.42 6.66 -1.58
C PHE A 178 2.91 6.82 -1.54
N ASN A 179 2.23 7.28 -2.60
CA ASN A 179 0.78 7.44 -2.56
C ASN A 179 0.11 6.57 -3.61
N PRO A 180 -0.36 5.40 -3.19
CA PRO A 180 -0.98 4.47 -4.14
C PRO A 180 -2.38 4.87 -4.59
N VAL A 181 -2.58 4.83 -5.89
CA VAL A 181 -3.86 5.17 -6.46
C VAL A 181 -4.07 4.28 -7.67
N GLY A 182 -5.25 4.43 -8.27
CA GLY A 182 -5.55 3.67 -9.46
C GLY A 182 -6.31 2.40 -9.12
N ALA A 183 -6.62 1.63 -10.17
CA ALA A 183 -7.37 0.40 -10.02
C ALA A 183 -7.02 -0.50 -11.19
N HIS A 184 -7.39 -1.78 -11.10
CA HIS A 184 -7.14 -2.71 -12.18
C HIS A 184 -7.80 -2.19 -13.45
N PRO A 185 -7.14 -2.35 -14.59
CA PRO A 185 -7.63 -1.84 -15.87
C PRO A 185 -9.01 -2.36 -16.26
N SER A 186 -9.41 -3.47 -15.68
CA SER A 186 -10.71 -4.01 -15.99
C SER A 186 -11.83 -3.15 -15.44
N GLY A 187 -11.55 -2.45 -14.35
CA GLY A 187 -12.57 -1.61 -13.76
C GLY A 187 -13.43 -2.42 -12.80
N ASP A 188 -13.03 -3.66 -12.58
CA ASP A 188 -13.76 -4.58 -11.71
C ASP A 188 -13.12 -4.80 -10.36
N MET A 189 -11.98 -4.15 -10.14
CA MET A 189 -11.27 -4.24 -8.88
C MET A 189 -10.69 -2.88 -8.60
N GLY A 190 -10.67 -2.46 -7.34
CA GLY A 190 -10.14 -1.15 -7.03
C GLY A 190 -10.23 -0.86 -5.55
N GLU A 191 -9.97 0.37 -5.13
CA GLU A 191 -10.03 0.69 -3.74
C GLU A 191 -11.48 0.86 -3.32
N ASP A 192 -11.88 0.23 -2.22
CA ASP A 192 -13.27 0.33 -1.77
C ASP A 192 -13.36 0.78 -0.32
N PRO A 193 -12.98 2.01 -0.05
CA PRO A 193 -12.98 2.48 1.31
C PRO A 193 -14.41 2.61 1.83
N GLN A 194 -14.55 2.40 3.14
CA GLN A 194 -15.84 2.52 3.77
C GLN A 194 -15.95 3.85 4.48
N GLY A 195 -17.06 4.54 4.27
CA GLY A 195 -17.23 5.83 4.90
C GLY A 195 -16.47 6.91 4.13
N ILE A 196 -16.07 7.95 4.88
CA ILE A 196 -15.35 9.04 4.26
C ILE A 196 -13.95 8.62 3.89
N PRO A 197 -13.59 8.77 2.61
CA PRO A 197 -12.24 8.41 2.20
C PRO A 197 -11.24 9.43 2.74
N ASN A 198 -10.13 8.94 3.28
CA ASN A 198 -9.14 9.84 3.82
C ASN A 198 -8.17 10.34 2.78
N ASN A 199 -8.01 9.59 1.71
CA ASN A 199 -7.07 9.96 0.66
C ASN A 199 -7.67 10.76 -0.47
N LEU A 200 -6.81 11.46 -1.16
CA LEU A 200 -7.22 12.33 -2.24
C LEU A 200 -7.97 11.68 -3.39
N MET A 201 -7.38 10.68 -4.03
CA MET A 201 -8.02 10.10 -5.18
C MET A 201 -9.46 9.63 -5.00
N PRO A 202 -9.69 8.78 -4.00
CA PRO A 202 -11.05 8.28 -3.78
C PRO A 202 -12.03 9.37 -3.40
N TYR A 203 -11.53 10.36 -2.68
CA TYR A 203 -12.39 11.45 -2.32
C TYR A 203 -12.83 12.15 -3.58
N ILE A 204 -11.88 12.42 -4.46
CA ILE A 204 -12.21 13.05 -5.72
C ILE A 204 -13.20 12.18 -6.47
N ALA A 205 -12.94 10.89 -6.46
CA ALA A 205 -13.83 10.01 -7.19
C ALA A 205 -15.28 10.07 -6.70
N GLN A 206 -15.41 10.21 -5.39
CA GLN A 206 -16.71 10.24 -4.78
C GLN A 206 -17.43 11.53 -5.07
N VAL A 207 -16.65 12.58 -5.27
CA VAL A 207 -17.19 13.87 -5.61
C VAL A 207 -17.70 13.76 -7.04
N ALA A 208 -16.89 13.13 -7.87
CA ALA A 208 -17.21 12.96 -9.28
C ALA A 208 -18.43 12.06 -9.48
N VAL A 209 -18.54 11.00 -8.70
CA VAL A 209 -19.66 10.09 -8.84
C VAL A 209 -20.97 10.72 -8.39
N GLY A 210 -20.92 11.82 -7.66
CA GLY A 210 -22.10 12.52 -7.22
C GLY A 210 -22.44 12.23 -5.78
N ARG A 211 -21.52 11.57 -5.09
CA ARG A 211 -21.74 11.24 -3.69
C ARG A 211 -21.41 12.40 -2.77
N ARG A 212 -20.38 13.18 -3.12
CA ARG A 212 -19.98 14.28 -2.28
C ARG A 212 -20.10 15.58 -3.03
N ASP A 213 -20.16 16.66 -2.28
CA ASP A 213 -20.33 17.93 -2.96
C ASP A 213 -19.08 18.44 -3.66
N SER A 214 -18.07 18.71 -2.84
CA SER A 214 -16.84 19.34 -3.29
C SER A 214 -15.62 18.87 -2.52
N LEU A 215 -14.52 18.84 -3.26
CA LEU A 215 -13.28 18.43 -2.67
C LEU A 215 -12.68 19.59 -1.92
N ALA A 216 -12.31 19.28 -0.68
CA ALA A 216 -11.66 20.25 0.16
C ALA A 216 -10.16 20.15 -0.06
N ILE A 217 -9.59 21.19 -0.63
CA ILE A 217 -8.17 21.16 -0.89
C ILE A 217 -7.53 21.74 0.33
N PHE A 218 -6.83 20.86 1.02
CA PHE A 218 -6.23 21.22 2.28
C PHE A 218 -5.01 22.11 2.14
N GLY A 219 -5.22 23.40 2.07
CA GLY A 219 -4.09 24.30 1.98
C GLY A 219 -3.82 24.77 0.56
N ASN A 220 -3.54 26.06 0.39
CA ASN A 220 -3.26 26.58 -0.93
C ASN A 220 -2.13 27.61 -0.89
N ASP A 221 -1.46 27.64 0.27
CA ASP A 221 -0.35 28.57 0.51
C ASP A 221 0.97 27.87 0.75
N TYR A 222 1.10 26.68 0.20
CA TYR A 222 2.33 25.94 0.37
C TYR A 222 3.38 26.52 -0.57
N PRO A 223 4.63 26.29 -0.24
CA PRO A 223 5.71 26.79 -1.07
C PRO A 223 5.93 25.90 -2.28
N THR A 224 4.85 25.69 -3.02
CA THR A 224 4.90 24.87 -4.21
C THR A 224 4.49 25.67 -5.42
N GLU A 225 4.68 25.10 -6.58
CA GLU A 225 4.34 25.81 -7.77
C GLU A 225 2.92 26.36 -7.84
N ASP A 226 1.92 25.65 -7.32
CA ASP A 226 0.54 26.10 -7.43
C ASP A 226 -0.07 26.35 -6.07
N GLY A 227 0.74 26.14 -5.05
CA GLY A 227 0.28 26.39 -3.70
C GLY A 227 -0.33 25.17 -3.02
N THR A 228 -0.64 24.15 -3.79
CA THR A 228 -1.20 22.95 -3.20
C THR A 228 -0.11 21.92 -2.89
N GLY A 229 -0.45 20.96 -2.06
CA GLY A 229 0.50 19.93 -1.67
C GLY A 229 0.95 19.07 -2.85
N VAL A 230 2.21 18.66 -2.80
CA VAL A 230 2.82 17.84 -3.83
C VAL A 230 3.18 16.46 -3.32
N ARG A 231 2.82 15.43 -4.08
CA ARG A 231 3.14 14.07 -3.66
C ARG A 231 3.51 13.21 -4.84
N ASP A 232 3.99 11.99 -4.55
CA ASP A 232 4.34 11.04 -5.58
C ASP A 232 3.26 9.97 -5.65
N TYR A 233 2.41 10.02 -6.67
CA TYR A 233 1.34 9.06 -6.81
C TYR A 233 1.80 7.91 -7.67
N ILE A 234 1.46 6.70 -7.24
CA ILE A 234 1.87 5.53 -8.00
C ILE A 234 0.70 4.59 -8.22
N HIS A 235 0.52 4.16 -9.47
CA HIS A 235 -0.56 3.27 -9.81
C HIS A 235 -0.44 1.97 -9.06
N VAL A 236 -1.53 1.52 -8.48
CA VAL A 236 -1.54 0.28 -7.71
C VAL A 236 -1.05 -0.91 -8.53
N MET A 237 -1.24 -0.87 -9.85
CA MET A 237 -0.77 -1.99 -10.66
C MET A 237 0.75 -2.01 -10.75
N ASP A 238 1.36 -0.83 -10.77
CA ASP A 238 2.82 -0.75 -10.81
C ASP A 238 3.36 -1.24 -9.47
N LEU A 239 2.64 -0.86 -8.43
CA LEU A 239 3.01 -1.23 -7.08
C LEU A 239 2.97 -2.75 -6.96
N ALA A 240 1.89 -3.31 -7.50
CA ALA A 240 1.70 -4.74 -7.50
C ALA A 240 2.87 -5.42 -8.21
N ASP A 241 3.13 -4.96 -9.43
CA ASP A 241 4.23 -5.53 -10.19
C ASP A 241 5.53 -5.49 -9.41
N GLY A 242 5.77 -4.36 -8.74
CA GLY A 242 6.97 -4.22 -7.93
C GLY A 242 7.08 -5.28 -6.85
N HIS A 243 5.93 -5.67 -6.31
CA HIS A 243 5.91 -6.67 -5.26
C HIS A 243 6.30 -8.04 -5.79
N VAL A 244 5.78 -8.34 -6.97
CA VAL A 244 6.08 -9.63 -7.54
C VAL A 244 7.57 -9.74 -7.81
N VAL A 245 8.10 -8.70 -8.42
CA VAL A 245 9.51 -8.67 -8.76
C VAL A 245 10.38 -8.73 -7.51
N ALA A 246 10.03 -7.95 -6.53
CA ALA A 246 10.81 -7.99 -5.31
C ALA A 246 10.79 -9.38 -4.72
N MET A 247 9.60 -9.98 -4.67
CA MET A 247 9.46 -11.33 -4.14
C MET A 247 10.34 -12.33 -4.89
N GLU A 248 10.21 -12.31 -6.21
CA GLU A 248 10.96 -13.21 -7.04
C GLU A 248 12.45 -12.96 -6.99
N LYS A 249 12.88 -11.72 -6.98
CA LYS A 249 14.31 -11.54 -7.00
C LYS A 249 15.01 -11.57 -5.67
N LEU A 250 14.30 -11.29 -4.59
CA LEU A 250 15.00 -11.24 -3.32
C LEU A 250 14.87 -12.50 -2.48
N ALA A 251 14.04 -13.43 -2.92
CA ALA A 251 13.86 -14.64 -2.15
C ALA A 251 15.19 -15.36 -1.97
N ASN A 252 15.48 -15.72 -0.73
CA ASN A 252 16.69 -16.43 -0.39
C ASN A 252 17.94 -15.61 -0.56
N LYS A 253 17.77 -14.31 -0.71
CA LYS A 253 18.89 -13.41 -0.80
C LYS A 253 18.98 -12.70 0.54
N PRO A 254 19.84 -13.21 1.43
CA PRO A 254 19.97 -12.66 2.76
C PRO A 254 20.23 -11.16 2.79
N GLY A 255 19.59 -10.52 3.78
CA GLY A 255 19.72 -9.09 4.01
C GLY A 255 18.38 -8.38 4.20
N VAL A 256 18.49 -7.08 4.42
CA VAL A 256 17.36 -6.19 4.59
C VAL A 256 17.42 -5.29 3.37
N HIS A 257 16.53 -5.54 2.44
CA HIS A 257 16.51 -4.81 1.20
C HIS A 257 15.47 -3.71 1.23
N ILE A 258 15.93 -2.46 1.29
CA ILE A 258 15.01 -1.33 1.37
C ILE A 258 14.84 -0.64 0.03
N TYR A 259 13.60 -0.46 -0.38
CA TYR A 259 13.38 0.19 -1.64
C TYR A 259 12.21 1.13 -1.58
N ASN A 260 12.40 2.29 -2.15
CA ASN A 260 11.27 3.18 -2.26
C ASN A 260 10.50 2.75 -3.50
N LEU A 261 9.17 2.67 -3.40
CA LEU A 261 8.33 2.35 -4.54
C LEU A 261 7.46 3.56 -4.83
N GLY A 262 7.85 4.32 -5.85
CA GLY A 262 7.15 5.53 -6.26
C GLY A 262 7.47 5.82 -7.71
N ALA A 263 6.83 6.82 -8.28
CA ALA A 263 7.05 7.17 -9.66
C ALA A 263 8.29 8.01 -9.80
N GLY A 264 8.71 8.59 -8.69
CA GLY A 264 9.89 9.40 -8.76
C GLY A 264 9.62 10.82 -9.20
N VAL A 265 8.38 11.26 -9.16
CA VAL A 265 8.05 12.61 -9.54
C VAL A 265 6.88 13.06 -8.71
N GLY A 266 6.72 14.36 -8.52
CA GLY A 266 5.61 14.86 -7.72
C GLY A 266 4.53 15.51 -8.57
N ASN A 267 3.30 15.50 -8.06
CA ASN A 267 2.15 16.11 -8.71
C ASN A 267 1.39 16.81 -7.62
N SER A 268 0.79 17.97 -7.91
CA SER A 268 0.09 18.70 -6.87
C SER A 268 -1.36 18.24 -6.76
N VAL A 269 -2.06 18.76 -5.78
CA VAL A 269 -3.46 18.41 -5.67
C VAL A 269 -4.19 18.81 -6.94
N LEU A 270 -3.88 20.01 -7.47
CA LEU A 270 -4.56 20.50 -8.65
C LEU A 270 -4.26 19.63 -9.84
N ASP A 271 -3.02 19.16 -9.94
CA ASP A 271 -2.67 18.29 -11.05
C ASP A 271 -3.55 17.04 -11.05
N VAL A 272 -3.73 16.49 -9.85
CA VAL A 272 -4.57 15.31 -9.69
C VAL A 272 -6.02 15.61 -10.06
N VAL A 273 -6.57 16.71 -9.52
CA VAL A 273 -7.94 17.09 -9.81
C VAL A 273 -8.17 17.24 -11.31
N ASN A 274 -7.23 17.97 -11.92
CA ASN A 274 -7.30 18.20 -13.36
C ASN A 274 -7.32 16.91 -14.15
N ALA A 275 -6.47 15.96 -13.76
CA ALA A 275 -6.45 14.68 -14.45
C ALA A 275 -7.78 13.95 -14.28
N PHE A 276 -8.35 14.09 -13.10
CA PHE A 276 -9.60 13.41 -12.88
C PHE A 276 -10.72 14.07 -13.65
N SER A 277 -10.72 15.40 -13.69
CA SER A 277 -11.77 16.08 -14.43
C SER A 277 -11.79 15.62 -15.87
N LYS A 278 -10.58 15.47 -16.40
CA LYS A 278 -10.36 15.02 -17.75
C LYS A 278 -10.87 13.59 -17.95
N ALA A 279 -10.52 12.72 -17.00
CA ALA A 279 -10.93 11.33 -17.04
C ALA A 279 -12.44 11.17 -16.97
N CYS A 280 -13.13 11.87 -16.08
CA CYS A 280 -14.57 11.71 -15.90
C CYS A 280 -15.47 12.55 -16.78
N GLY A 281 -14.89 13.43 -17.60
CA GLY A 281 -15.67 14.23 -18.52
C GLY A 281 -16.43 15.40 -17.93
N LYS A 282 -16.04 15.85 -16.76
CA LYS A 282 -16.70 16.96 -16.12
C LYS A 282 -15.79 17.54 -15.07
N PRO A 283 -15.89 18.83 -14.89
CA PRO A 283 -15.03 19.45 -13.91
C PRO A 283 -15.36 18.98 -12.51
N VAL A 284 -14.34 18.52 -11.80
CA VAL A 284 -14.54 18.09 -10.43
C VAL A 284 -14.66 19.29 -9.51
N ASN A 285 -15.72 19.32 -8.70
CA ASN A 285 -15.95 20.45 -7.82
C ASN A 285 -14.96 20.50 -6.68
N TYR A 286 -14.46 21.67 -6.33
CA TYR A 286 -13.53 21.71 -5.21
C TYR A 286 -13.43 23.09 -4.66
N HIS A 287 -12.90 23.18 -3.45
CA HIS A 287 -12.68 24.47 -2.83
C HIS A 287 -11.44 24.38 -1.95
N PHE A 288 -10.89 25.53 -1.58
CA PHE A 288 -9.73 25.54 -0.73
C PHE A 288 -10.09 25.61 0.73
N ALA A 289 -9.41 24.80 1.52
CA ALA A 289 -9.66 24.76 2.94
C ALA A 289 -8.33 24.92 3.67
N PRO A 290 -8.34 24.96 4.98
CA PRO A 290 -7.07 25.16 5.66
C PRO A 290 -6.23 23.92 5.58
N ARG A 291 -4.93 24.10 5.83
CA ARG A 291 -4.00 22.99 5.81
C ARG A 291 -4.44 21.95 6.79
N ARG A 292 -4.21 20.69 6.45
CA ARG A 292 -4.51 19.57 7.31
C ARG A 292 -3.34 19.33 8.26
N GLU A 293 -3.66 19.07 9.51
CA GLU A 293 -2.67 18.82 10.54
C GLU A 293 -1.69 17.72 10.18
N GLY A 294 -0.39 18.03 10.29
CA GLY A 294 0.69 17.08 10.02
C GLY A 294 1.06 16.88 8.56
N ASP A 295 0.40 17.58 7.66
CA ASP A 295 0.68 17.48 6.24
C ASP A 295 1.96 18.21 5.87
N LEU A 296 2.83 17.52 5.13
CA LEU A 296 4.06 18.12 4.64
C LEU A 296 3.76 18.82 3.32
N PRO A 297 4.50 19.85 2.89
CA PRO A 297 4.21 20.52 1.64
C PRO A 297 4.48 19.76 0.35
N ALA A 298 5.66 19.19 0.24
CA ALA A 298 6.00 18.52 -0.98
C ALA A 298 7.05 17.45 -0.77
N TYR A 299 6.85 16.30 -1.40
CA TYR A 299 7.84 15.24 -1.35
C TYR A 299 7.53 14.23 -2.42
N TRP A 300 8.55 13.49 -2.81
CA TRP A 300 8.39 12.42 -3.78
C TRP A 300 9.55 11.49 -3.59
N ALA A 301 9.47 10.35 -4.26
CA ALA A 301 10.55 9.39 -4.08
C ALA A 301 11.64 9.50 -5.13
N ASP A 302 12.80 9.02 -4.71
CA ASP A 302 13.92 8.83 -5.59
C ASP A 302 13.82 7.31 -5.75
N ALA A 303 13.42 6.84 -6.92
CA ALA A 303 13.25 5.41 -7.10
C ALA A 303 14.36 4.79 -7.95
N SER A 304 15.53 5.40 -7.95
CA SER A 304 16.64 4.91 -8.75
C SER A 304 17.11 3.53 -8.31
N LYS A 305 17.12 3.34 -7.01
CA LYS A 305 17.64 2.10 -6.46
C LYS A 305 16.88 0.89 -6.94
N ALA A 306 15.56 0.99 -6.90
CA ALA A 306 14.76 -0.14 -7.35
C ALA A 306 14.97 -0.37 -8.82
N ASP A 307 15.18 0.72 -9.57
CA ASP A 307 15.40 0.60 -10.99
C ASP A 307 16.69 -0.18 -11.24
N ARG A 308 17.70 0.29 -10.58
CA ARG A 308 19.02 -0.28 -10.69
C ARG A 308 19.06 -1.75 -10.29
N GLU A 309 18.65 -2.02 -9.05
CA GLU A 309 18.71 -3.34 -8.48
C GLU A 309 17.65 -4.34 -8.86
N LEU A 310 16.42 -3.89 -9.12
CA LEU A 310 15.38 -4.84 -9.44
C LEU A 310 14.89 -4.65 -10.85
N ASN A 311 15.44 -3.66 -11.52
CA ASN A 311 15.03 -3.40 -12.88
C ASN A 311 13.55 -3.10 -12.92
N TRP A 312 13.06 -2.45 -11.88
CA TRP A 312 11.67 -2.08 -11.78
C TRP A 312 11.47 -0.57 -11.80
N ARG A 313 10.45 -0.13 -12.55
CA ARG A 313 10.11 1.27 -12.62
C ARG A 313 8.63 1.35 -12.94
N VAL A 314 8.01 2.48 -12.65
CA VAL A 314 6.61 2.51 -12.98
C VAL A 314 6.42 2.61 -14.48
N THR A 315 5.25 2.21 -14.94
CA THR A 315 4.93 2.33 -16.36
C THR A 315 3.58 2.97 -16.61
N ARG A 316 2.75 3.11 -15.57
CA ARG A 316 1.45 3.73 -15.75
C ARG A 316 1.53 5.23 -15.53
N THR A 317 0.69 6.03 -16.18
CA THR A 317 0.75 7.47 -16.00
C THR A 317 -0.29 8.00 -15.04
N LEU A 318 -0.16 9.28 -14.71
CA LEU A 318 -1.13 9.90 -13.83
C LEU A 318 -2.50 9.84 -14.46
N ASP A 319 -2.55 10.08 -15.76
CA ASP A 319 -3.84 10.03 -16.42
C ASP A 319 -4.47 8.67 -16.26
N GLU A 320 -3.64 7.64 -16.39
CA GLU A 320 -4.13 6.30 -16.26
C GLU A 320 -4.66 6.05 -14.85
N MET A 321 -3.89 6.57 -13.92
CA MET A 321 -4.30 6.40 -12.55
C MET A 321 -5.71 6.93 -12.36
N ALA A 322 -5.95 8.11 -12.94
CA ALA A 322 -7.25 8.74 -12.84
C ALA A 322 -8.30 8.01 -13.65
N GLN A 323 -7.96 7.64 -14.88
CA GLN A 323 -8.92 6.93 -15.72
C GLN A 323 -9.36 5.60 -15.10
N ASP A 324 -8.38 4.87 -14.60
CA ASP A 324 -8.68 3.58 -14.04
C ASP A 324 -9.55 3.66 -12.82
N THR A 325 -9.27 4.68 -12.02
CA THR A 325 -10.07 4.87 -10.83
C THR A 325 -11.52 5.21 -11.20
N TRP A 326 -11.67 6.09 -12.16
CA TRP A 326 -13.00 6.49 -12.58
C TRP A 326 -13.79 5.32 -13.11
N HIS A 327 -13.10 4.48 -13.87
CA HIS A 327 -13.74 3.33 -14.50
C HIS A 327 -14.27 2.38 -13.44
N TRP A 328 -13.49 2.15 -12.40
CA TRP A 328 -13.92 1.28 -11.32
C TRP A 328 -15.04 1.93 -10.53
N GLN A 329 -14.85 3.20 -10.21
CA GLN A 329 -15.85 3.90 -9.45
C GLN A 329 -17.16 3.92 -10.19
N SER A 330 -17.05 4.19 -11.48
CA SER A 330 -18.23 4.27 -12.29
C SER A 330 -18.87 2.92 -12.55
N ARG A 331 -18.06 1.89 -12.72
CA ARG A 331 -18.64 0.57 -12.94
C ARG A 331 -19.19 -0.06 -11.67
N HIS A 332 -18.66 0.35 -10.52
CA HIS A 332 -19.11 -0.23 -9.27
C HIS A 332 -19.26 0.81 -8.19
N PRO A 333 -20.27 1.67 -8.37
CA PRO A 333 -20.56 2.76 -7.47
C PRO A 333 -20.80 2.34 -6.03
N GLN A 334 -21.16 1.06 -5.80
CA GLN A 334 -21.40 0.56 -4.46
C GLN A 334 -20.27 -0.33 -3.98
N GLY A 335 -19.20 -0.35 -4.77
CA GLY A 335 -18.04 -1.15 -4.48
C GLY A 335 -18.40 -2.63 -4.53
N TYR A 336 -17.74 -3.39 -3.68
CA TYR A 336 -17.95 -4.81 -3.62
C TYR A 336 -19.19 -5.07 -2.81
N PRO A 337 -19.98 -6.01 -3.31
CA PRO A 337 -21.23 -6.39 -2.69
C PRO A 337 -21.04 -7.14 -1.38
N ASP A 338 -21.99 -6.90 -0.48
CA ASP A 338 -22.04 -7.55 0.82
C ASP A 338 -22.49 -8.99 0.56
NA NA B . -8.46 12.36 20.78
NA NA C . -12.94 3.89 6.20
NA NA D . -20.33 -0.83 -0.71
PA NAD E . -6.35 -2.08 3.08
O1A NAD E . -7.02 -1.69 4.33
O2A NAD E . -7.19 -2.06 1.86
O5B NAD E . -5.68 -3.52 3.21
C5B NAD E . -5.36 -4.01 4.53
C4B NAD E . -6.01 -5.37 4.71
O4B NAD E . -5.57 -5.84 6.00
C3B NAD E . -7.53 -5.33 4.75
O3B NAD E . -8.07 -6.22 3.78
C2B NAD E . -7.82 -5.62 6.24
O2B NAD E . -9.08 -6.33 6.38
C1B NAD E . -6.64 -6.48 6.61
N9A NAD E . -6.30 -6.50 8.03
C8A NAD E . -6.19 -5.44 8.86
N7A NAD E . -5.78 -5.75 10.08
C5A NAD E . -5.65 -7.12 10.04
C6A NAD E . -5.22 -8.02 11.02
N6A NAD E . -4.89 -7.74 12.25
N1A NAD E . -5.28 -9.34 10.70
C2A NAD E . -5.63 -9.63 9.42
N3A NAD E . -6.02 -8.89 8.43
C4A NAD E . -5.99 -7.61 8.80
O3 NAD E . -5.11 -1.16 2.88
PN NAD E . -4.05 -1.00 1.65
O1N NAD E . -4.29 0.33 1.06
O2N NAD E . -4.24 -2.14 0.72
O5D NAD E . -2.72 -1.02 2.51
C5D NAD E . -1.93 -2.20 2.42
C4D NAD E . -0.78 -2.03 3.35
O4D NAD E . 0.02 -0.97 2.80
C3D NAD E . -1.10 -1.62 4.78
O3D NAD E . -0.13 -2.14 5.68
C2D NAD E . -0.93 -0.10 4.71
O2D NAD E . -0.52 0.39 5.98
C1D NAD E . 0.23 0.01 3.76
N1N NAD E . 0.30 1.31 3.12
C2N NAD E . -0.69 1.75 2.27
C3N NAD E . -0.76 3.17 1.90
C7N NAD E . -1.97 3.58 1.18
O7N NAD E . -2.07 4.78 0.90
N7N NAD E . -2.92 2.71 0.81
C4N NAD E . 0.54 3.89 1.79
C5N NAD E . 1.50 3.32 2.75
C6N NAD E . 1.42 2.14 3.30
N1 UFG F . -5.70 16.17 0.17
C2 UFG F . -6.66 17.17 0.03
N3 UFG F . -7.95 16.80 0.30
C4 UFG F . -8.35 15.51 0.71
C5 UFG F . -7.31 14.53 0.82
C6 UFG F . -6.07 14.87 0.55
O2 UFG F . -6.38 18.31 -0.26
O4 UFG F . -9.52 15.33 0.95
C1D UFG F . -4.27 16.43 -0.15
C2D UFG F . -3.34 16.27 1.04
O2D UFG F . -3.24 17.51 1.77
C3D UFG F . -1.97 15.90 0.39
C4D UFG F . -2.41 15.11 -0.82
O4' UFG F . -3.77 15.52 -1.09
O3D UFG F . -1.24 17.06 0.01
C5D UFG F . -2.44 13.62 -0.65
O5D UFG F . -3.16 13.39 0.58
PA UFG F . -3.51 11.89 1.00
O1A UFG F . -4.21 11.89 2.30
O2A UFG F . -4.10 11.12 -0.11
O3A UFG F . -2.10 11.13 1.32
PB UFG F . -0.88 11.55 2.18
O1B UFG F . 0.25 12.21 1.44
O2B UFG F . -1.35 12.33 3.37
O3B UFG F . -0.29 10.16 2.78
C1' UFG F . 1.03 10.12 3.24
C2' UFG F . 1.39 8.64 3.16
C3' UFG F . 0.95 7.78 4.37
C4' UFG F . 1.07 8.50 5.74
C5' UFG F . 0.69 9.99 5.69
C6' UFG F . 1.15 10.78 6.93
O2' UFG F . 1.02 8.04 1.91
O3' UFG F . 1.56 6.50 4.44
O5' UFG F . 1.29 10.67 4.56
O6' UFG F . 2.55 10.87 6.90
F4' UFG F . 0.23 7.87 6.70
C1 EDO G . -10.28 -2.03 0.41
O1 EDO G . -10.43 -1.93 -1.01
C2 EDO G . -10.14 -0.63 0.98
O2 EDO G . -8.82 -0.16 0.81
C1 PEG H . 20.14 -6.85 -3.54
O1 PEG H . 21.23 -7.56 -2.92
C2 PEG H . 19.37 -7.80 -4.43
O2 PEG H . 18.97 -7.43 -5.77
C3 PEG H . 18.27 -8.38 -6.63
C4 PEG H . 19.39 -9.27 -7.19
O4 PEG H . 19.04 -10.42 -7.95
#